data_5WVG
#
_entry.id   5WVG
#
_cell.length_a   71.362
_cell.length_b   71.362
_cell.length_c   175.023
_cell.angle_alpha   90.00
_cell.angle_beta   90.00
_cell.angle_gamma   90.00
#
_symmetry.space_group_name_H-M   'P 41 21 2'
#
loop_
_entity.id
_entity.type
_entity.pdbx_description
1 polymer Chitinase
2 branched 2-acetamido-2-deoxy-beta-D-glucopyranose-(1-4)-2-acetamido-2-deoxy-beta-D-glucopyranose-(1-4)-2-acetamido-2-deoxy-beta-D-glucopyranose-(1-4)-2-acetamido-2-deoxy-beta-D-glucopyranose-(1-4)-2-acetamido-2-deoxy-beta-D-glucopyranose
3 non-polymer 2-acetamido-2-deoxy-beta-D-glucopyranose
4 water water
#
_entity_poly.entity_id   1
_entity_poly.type   'polypeptide(L)'
_entity_poly.pdbx_seq_one_letter_code
;EPQVLCYLTSWSSKRPSAGRFMPENVDPTLCTHVIYAFATLKDHKLTEADEKDADMYDKVVALREKNPNLKILLAIGGWA
FGSTPFKELTSNVFRMNQFVYEAIEFLRDYQFNGLDVDWLYPRGADDRAAFVSLLKELRLAFEGEAKTSGQPRLLLTAAV
PASFEAIAAGYDVPEISKYLDFINVMTYDFHGQWERQVGHNSPLFPLESATSYQKKLTVDYSAREWVRQGAPKEKLMIGM
PTYGRSFTLINDTQFDIGAPASGGGQAGRFTNEAGFMSYYEICEFLREDNTTLVWDNEQMVPFAYREDQWVGFDDERSLK
TKMAWLKEEGFGGIMVWSVDMDDFRGSCGTGKYPLITAMKQELSGYKVKLEYDGPYESSSPTGQYTTKDPHEVTCEEEDG
HISYHKDHADCTMYYMCEGERKHHMPCPSNLVFNPNENVCDWPENVEGCQQHTQAPAAKR
;
_entity_poly.pdbx_strand_id   A
#
loop_
_chem_comp.id
_chem_comp.type
_chem_comp.name
_chem_comp.formula
NAG D-saccharide, beta linking 2-acetamido-2-deoxy-beta-D-glucopyranose 'C8 H15 N O6'
#
# COMPACT_ATOMS: atom_id res chain seq x y z
N GLU A 1 19.23 -6.59 3.56
CA GLU A 1 18.26 -7.38 2.80
C GLU A 1 16.90 -6.67 2.75
N PRO A 2 16.85 -5.49 2.11
CA PRO A 2 15.59 -4.75 2.17
C PRO A 2 14.51 -5.45 1.36
N GLN A 3 13.30 -5.50 1.93
CA GLN A 3 12.19 -6.18 1.29
C GLN A 3 11.36 -5.20 0.50
N VAL A 4 10.81 -5.67 -0.62
CA VAL A 4 9.99 -4.84 -1.48
C VAL A 4 8.66 -5.53 -1.74
N LEU A 5 7.63 -5.12 -0.99
CA LEU A 5 6.33 -5.76 -1.05
C LEU A 5 5.41 -5.02 -2.02
N CYS A 6 4.98 -5.72 -3.06
CA CYS A 6 4.19 -5.09 -4.12
C CYS A 6 2.76 -5.59 -4.16
N TYR A 7 1.83 -4.67 -3.96
CA TYR A 7 0.42 -4.95 -4.06
C TYR A 7 -0.02 -5.03 -5.51
N LEU A 8 -0.72 -6.12 -5.83
CA LEU A 8 -1.36 -6.27 -7.13
C LEU A 8 -2.87 -6.20 -6.91
N THR A 9 -3.52 -5.21 -7.52
CA THR A 9 -4.97 -5.10 -7.43
C THR A 9 -5.61 -6.08 -8.40
N SER A 10 -6.63 -6.78 -7.93
CA SER A 10 -7.29 -7.78 -8.77
C SER A 10 -8.08 -7.11 -9.89
N TRP A 11 -8.67 -5.96 -9.58
CA TRP A 11 -9.57 -5.29 -10.53
C TRP A 11 -8.85 -4.56 -11.66
N SER A 12 -7.52 -4.59 -11.65
CA SER A 12 -6.75 -3.95 -12.73
C SER A 12 -6.89 -4.72 -14.05
N SER A 13 -7.24 -6.00 -13.96
CA SER A 13 -7.46 -6.82 -15.14
C SER A 13 -8.72 -6.40 -15.90
N LYS A 14 -9.55 -5.61 -15.27
CA LYS A 14 -10.76 -5.13 -15.88
C LYS A 14 -10.60 -3.84 -16.55
N ARG A 15 -9.38 -3.32 -16.57
CA ARG A 15 -9.08 -2.04 -17.18
C ARG A 15 -9.04 -2.10 -18.68
N PRO A 16 -9.55 -1.09 -19.32
CA PRO A 16 -9.59 -1.06 -20.76
C PRO A 16 -8.28 -0.80 -21.39
N SER A 17 -8.10 -1.39 -22.56
CA SER A 17 -6.93 -1.14 -23.39
C SER A 17 -5.71 -1.33 -22.59
N ALA A 18 -4.70 -0.50 -22.80
CA ALA A 18 -3.42 -0.71 -22.25
C ALA A 18 -3.41 -0.84 -20.76
N GLY A 19 -4.29 -0.09 -20.14
CA GLY A 19 -4.46 -0.14 -18.72
C GLY A 19 -4.57 -1.49 -18.10
N ARG A 20 -5.11 -2.42 -18.84
CA ARG A 20 -5.36 -3.76 -18.34
C ARG A 20 -4.06 -4.40 -17.87
N PHE A 21 -4.09 -4.92 -16.66
CA PHE A 21 -2.92 -5.53 -16.05
C PHE A 21 -3.26 -6.94 -15.57
N MET A 22 -2.40 -7.89 -15.91
CA MET A 22 -2.57 -9.27 -15.47
C MET A 22 -1.34 -9.68 -14.67
N PRO A 23 -1.45 -10.77 -13.89
CA PRO A 23 -0.28 -11.22 -13.13
C PRO A 23 1.00 -11.50 -13.94
N GLU A 24 0.92 -11.76 -15.24
CA GLU A 24 2.17 -11.98 -15.94
C GLU A 24 2.74 -10.71 -16.57
N ASN A 25 2.11 -9.58 -16.31
CA ASN A 25 2.73 -8.30 -16.60
C ASN A 25 3.70 -7.94 -15.48
N VAL A 26 3.69 -8.73 -14.41
CA VAL A 26 4.59 -8.51 -13.29
C VAL A 26 6.00 -8.96 -13.63
N ASP A 27 6.95 -8.05 -13.42
CA ASP A 27 8.37 -8.35 -13.48
C ASP A 27 8.72 -9.14 -12.23
N PRO A 28 9.00 -10.45 -12.39
CA PRO A 28 9.17 -11.30 -11.20
C PRO A 28 10.49 -11.13 -10.46
N THR A 29 11.27 -10.10 -10.80
CA THR A 29 12.53 -9.83 -10.11
C THR A 29 12.50 -8.44 -9.49
N LEU A 30 11.36 -7.78 -9.62
CA LEU A 30 11.18 -6.43 -9.08
C LEU A 30 10.96 -6.43 -7.59
N CYS A 31 9.95 -7.18 -7.17
CA CYS A 31 9.51 -7.19 -5.80
C CYS A 31 9.96 -8.49 -5.14
N THR A 32 10.05 -8.46 -3.81
CA THR A 32 10.43 -9.64 -3.05
C THR A 32 9.17 -10.41 -2.67
N HIS A 33 8.08 -9.66 -2.49
CA HIS A 33 6.77 -10.25 -2.27
C HIS A 33 5.74 -9.60 -3.19
N VAL A 34 4.79 -10.40 -3.66
CA VAL A 34 3.65 -9.85 -4.39
C VAL A 34 2.40 -10.16 -3.58
N ILE A 35 1.62 -9.12 -3.25
CA ILE A 35 0.41 -9.31 -2.46
C ILE A 35 -0.83 -9.06 -3.29
N TYR A 36 -1.70 -10.06 -3.38
CA TYR A 36 -2.88 -9.98 -4.21
C TYR A 36 -4.07 -9.41 -3.44
N ALA A 37 -4.65 -8.33 -3.98
CA ALA A 37 -5.74 -7.62 -3.31
C ALA A 37 -7.00 -7.56 -4.17
N PHE A 38 -8.17 -7.88 -3.62
CA PHE A 38 -8.32 -8.41 -2.27
C PHE A 38 -9.16 -9.69 -2.31
N ALA A 39 -9.15 -10.46 -1.23
CA ALA A 39 -10.14 -11.50 -1.07
C ALA A 39 -11.26 -10.98 -0.19
N THR A 40 -12.29 -11.78 0.05
CA THR A 40 -13.36 -11.37 0.94
C THR A 40 -13.70 -12.46 1.94
N LEU A 41 -14.68 -12.18 2.78
CA LEU A 41 -15.21 -13.17 3.69
C LEU A 41 -16.61 -13.58 3.25
N LYS A 42 -16.81 -14.88 3.08
CA LYS A 42 -18.15 -15.41 2.86
C LYS A 42 -18.54 -16.21 4.12
N ASP A 43 -19.43 -15.62 4.91
CA ASP A 43 -19.75 -16.10 6.26
C ASP A 43 -18.52 -16.36 7.10
N HIS A 44 -17.72 -15.31 7.32
CA HIS A 44 -16.60 -15.37 8.23
C HIS A 44 -15.57 -16.42 7.83
N LYS A 45 -15.56 -16.76 6.55
CA LYS A 45 -14.54 -17.66 6.01
C LYS A 45 -13.88 -16.99 4.81
N LEU A 46 -12.56 -16.98 4.82
CA LEU A 46 -11.77 -16.43 3.71
C LEU A 46 -12.13 -17.11 2.40
N THR A 47 -12.49 -16.32 1.39
CA THR A 47 -12.84 -16.88 0.09
C THR A 47 -12.58 -15.91 -1.05
N GLU A 48 -12.66 -16.42 -2.27
CA GLU A 48 -12.53 -15.59 -3.46
C GLU A 48 -13.65 -14.57 -3.48
N ALA A 49 -13.33 -13.34 -3.86
CA ALA A 49 -14.34 -12.29 -3.95
C ALA A 49 -15.11 -12.37 -5.26
N ASP A 50 -14.59 -13.17 -6.19
CA ASP A 50 -15.26 -13.35 -7.49
C ASP A 50 -14.92 -14.72 -8.06
N GLU A 51 -15.89 -15.22 -8.80
CA GLU A 51 -15.95 -16.57 -9.32
C GLU A 51 -14.67 -17.02 -10.04
N LYS A 52 -14.18 -16.24 -11.00
CA LYS A 52 -12.91 -16.61 -11.64
C LYS A 52 -11.81 -15.62 -11.29
N ASP A 53 -11.84 -15.17 -10.04
CA ASP A 53 -10.65 -14.69 -9.34
C ASP A 53 -9.73 -15.89 -9.14
N ALA A 54 -10.36 -17.05 -9.01
CA ALA A 54 -9.70 -18.31 -8.73
C ALA A 54 -8.52 -18.57 -9.66
N ASP A 55 -8.77 -18.50 -10.98
CA ASP A 55 -7.73 -18.71 -11.96
C ASP A 55 -6.65 -17.64 -11.89
N MET A 56 -6.99 -16.50 -11.30
CA MET A 56 -6.02 -15.43 -11.12
C MET A 56 -5.09 -15.73 -9.94
N TYR A 57 -5.65 -16.24 -8.85
CA TYR A 57 -4.84 -16.69 -7.72
C TYR A 57 -3.80 -17.69 -8.24
N ASP A 58 -4.23 -18.54 -9.16
CA ASP A 58 -3.35 -19.52 -9.77
C ASP A 58 -2.33 -18.88 -10.71
N LYS A 59 -2.71 -17.78 -11.35
CA LYS A 59 -1.80 -17.04 -12.23
C LYS A 59 -0.79 -16.19 -11.46
N VAL A 60 -1.20 -15.66 -10.31
CA VAL A 60 -0.32 -14.77 -9.55
C VAL A 60 0.76 -15.61 -8.83
N VAL A 61 0.35 -16.73 -8.24
CA VAL A 61 1.28 -17.79 -7.91
C VAL A 61 1.81 -18.27 -9.27
N ALA A 62 2.93 -18.99 -9.27
CA ALA A 62 3.61 -19.42 -10.49
C ALA A 62 4.23 -18.24 -11.23
N LEU A 63 4.20 -17.08 -10.60
CA LEU A 63 5.22 -16.07 -10.86
C LEU A 63 6.48 -16.64 -10.24
N ARG A 64 6.25 -17.47 -9.22
CA ARG A 64 7.30 -18.23 -8.56
C ARG A 64 8.01 -19.19 -9.50
N GLU A 65 7.29 -19.63 -10.54
CA GLU A 65 7.88 -20.55 -11.50
C GLU A 65 9.05 -19.92 -12.23
N LYS A 66 9.07 -18.59 -12.30
CA LYS A 66 10.19 -17.89 -12.92
C LYS A 66 10.99 -17.05 -11.93
N ASN A 67 10.67 -17.21 -10.65
CA ASN A 67 11.47 -16.66 -9.55
C ASN A 67 11.07 -17.41 -8.29
N PRO A 68 11.76 -18.53 -8.01
CA PRO A 68 11.31 -19.40 -6.92
C PRO A 68 11.47 -18.78 -5.54
N ASN A 69 12.26 -17.72 -5.41
CA ASN A 69 12.42 -17.04 -4.13
C ASN A 69 11.35 -15.97 -3.92
N LEU A 70 10.52 -15.79 -4.94
CA LEU A 70 9.44 -14.80 -4.87
C LEU A 70 8.34 -15.31 -3.96
N LYS A 71 7.86 -14.45 -3.08
CA LYS A 71 6.80 -14.84 -2.16
C LYS A 71 5.48 -14.22 -2.60
N ILE A 72 4.43 -15.02 -2.62
CA ILE A 72 3.12 -14.56 -3.05
C ILE A 72 2.13 -14.60 -1.89
N LEU A 73 1.52 -13.47 -1.58
CA LEU A 73 0.58 -13.41 -0.47
C LEU A 73 -0.82 -13.05 -0.95
N LEU A 74 -1.81 -13.43 -0.15
CA LEU A 74 -3.19 -13.02 -0.41
C LEU A 74 -3.62 -11.99 0.62
N ALA A 75 -4.22 -10.92 0.16
CA ALA A 75 -4.68 -9.86 1.04
C ALA A 75 -6.18 -9.98 1.31
N ILE A 76 -6.58 -9.67 2.54
CA ILE A 76 -7.99 -9.68 2.90
C ILE A 76 -8.41 -8.35 3.53
N GLY A 77 -9.42 -7.72 2.96
CA GLY A 77 -9.93 -6.46 3.49
C GLY A 77 -9.80 -5.28 2.55
N GLY A 78 -9.11 -4.24 3.01
CA GLY A 78 -8.95 -3.04 2.23
C GLY A 78 -9.95 -1.95 2.58
N TRP A 79 -9.89 -0.83 1.86
CA TRP A 79 -10.70 0.33 2.16
C TRP A 79 -12.19 0.10 2.02
N ALA A 80 -12.60 -0.40 0.86
CA ALA A 80 -14.01 -0.54 0.53
C ALA A 80 -14.69 -1.62 1.37
N PHE A 81 -13.87 -2.54 1.87
CA PHE A 81 -14.33 -3.67 2.66
C PHE A 81 -14.89 -3.21 4.00
N GLY A 82 -14.27 -2.18 4.58
CA GLY A 82 -14.74 -1.59 5.81
C GLY A 82 -14.32 -2.37 7.05
N SER A 83 -14.94 -2.03 8.18
CA SER A 83 -14.55 -2.56 9.48
C SER A 83 -15.50 -3.66 9.97
N THR A 84 -16.73 -3.63 9.46
CA THR A 84 -17.79 -4.51 9.92
C THR A 84 -17.53 -6.01 9.74
N PRO A 85 -16.99 -6.43 8.57
CA PRO A 85 -16.73 -7.87 8.50
C PRO A 85 -15.60 -8.35 9.43
N PHE A 86 -14.87 -7.42 10.03
CA PHE A 86 -13.79 -7.80 10.94
C PHE A 86 -14.25 -7.86 12.39
N LYS A 87 -15.14 -6.95 12.76
CA LYS A 87 -15.72 -6.97 14.09
C LYS A 87 -16.54 -8.24 14.29
N GLU A 88 -17.20 -8.67 13.22
CA GLU A 88 -17.97 -9.91 13.25
C GLU A 88 -17.05 -11.11 13.36
N LEU A 89 -16.02 -11.14 12.52
CA LEU A 89 -15.05 -12.22 12.50
C LEU A 89 -14.46 -12.47 13.88
N THR A 90 -14.27 -11.40 14.63
CA THR A 90 -13.58 -11.45 15.90
C THR A 90 -14.49 -11.28 17.10
N SER A 91 -15.81 -11.35 16.88
CA SER A 91 -16.75 -11.16 17.98
C SER A 91 -16.83 -12.40 18.87
N ASN A 92 -16.62 -13.58 18.29
CA ASN A 92 -16.52 -14.79 19.10
C ASN A 92 -15.41 -15.74 18.63
N VAL A 93 -14.99 -16.64 19.52
CA VAL A 93 -13.77 -17.41 19.33
C VAL A 93 -13.92 -18.59 18.37
N PHE A 94 -15.07 -19.25 18.40
CA PHE A 94 -15.26 -20.35 17.47
C PHE A 94 -15.26 -19.78 16.06
N ARG A 95 -15.92 -18.65 15.85
CA ARG A 95 -15.90 -18.00 14.55
C ARG A 95 -14.48 -17.67 14.11
N MET A 96 -13.74 -16.95 14.96
CA MET A 96 -12.39 -16.51 14.62
C MET A 96 -11.45 -17.68 14.39
N ASN A 97 -11.46 -18.64 15.30
CA ASN A 97 -10.53 -19.76 15.21
C ASN A 97 -10.81 -20.66 14.02
N GLN A 98 -12.08 -20.94 13.73
CA GLN A 98 -12.41 -21.75 12.56
C GLN A 98 -12.10 -20.98 11.28
N PHE A 99 -12.05 -19.64 11.36
CA PHE A 99 -11.58 -18.83 10.23
C PHE A 99 -10.10 -19.05 10.02
N VAL A 100 -9.34 -19.07 11.12
CA VAL A 100 -7.92 -19.31 11.07
C VAL A 100 -7.60 -20.66 10.45
N TYR A 101 -8.15 -21.71 11.03
CA TYR A 101 -7.91 -23.08 10.60
C TYR A 101 -8.24 -23.27 9.13
N GLU A 102 -9.37 -22.71 8.70
CA GLU A 102 -9.84 -22.86 7.33
C GLU A 102 -9.08 -21.95 6.36
N ALA A 103 -8.55 -20.85 6.86
CA ALA A 103 -7.77 -19.93 6.03
C ALA A 103 -6.45 -20.59 5.64
N ILE A 104 -5.82 -21.26 6.59
CA ILE A 104 -4.59 -22.00 6.34
C ILE A 104 -4.82 -23.00 5.20
N GLU A 105 -5.86 -23.80 5.35
CA GLU A 105 -6.29 -24.73 4.32
C GLU A 105 -6.46 -24.03 2.97
N PHE A 106 -7.24 -22.96 2.97
CA PHE A 106 -7.45 -22.14 1.77
C PHE A 106 -6.10 -21.71 1.21
N LEU A 107 -5.28 -21.12 2.06
CA LEU A 107 -3.96 -20.63 1.65
C LEU A 107 -3.07 -21.73 1.10
N ARG A 108 -3.06 -22.90 1.74
CA ARG A 108 -2.23 -24.02 1.29
C ARG A 108 -2.77 -24.62 -0.01
N ASP A 109 -4.09 -24.63 -0.17
CA ASP A 109 -4.73 -25.13 -1.39
C ASP A 109 -4.23 -24.43 -2.63
N TYR A 110 -4.06 -23.11 -2.53
CA TYR A 110 -3.66 -22.27 -3.64
C TYR A 110 -2.15 -22.09 -3.70
N GLN A 111 -1.49 -22.54 -2.64
CA GLN A 111 -0.04 -22.46 -2.47
C GLN A 111 0.44 -21.01 -2.31
N PHE A 112 -0.33 -20.23 -1.54
CA PHE A 112 0.09 -18.89 -1.14
C PHE A 112 1.13 -18.97 -0.04
N ASN A 113 2.04 -18.00 -0.02
CA ASN A 113 3.11 -18.00 0.98
C ASN A 113 2.69 -17.36 2.29
N GLY A 114 1.60 -16.59 2.27
CA GLY A 114 1.11 -15.96 3.48
C GLY A 114 -0.18 -15.19 3.34
N LEU A 115 -0.56 -14.52 4.43
CA LEU A 115 -1.78 -13.72 4.45
C LEU A 115 -1.47 -12.29 4.88
N ASP A 116 -1.95 -11.34 4.10
CA ASP A 116 -1.85 -9.93 4.46
C ASP A 116 -3.21 -9.48 4.96
N VAL A 117 -3.28 -9.09 6.23
CA VAL A 117 -4.56 -8.72 6.85
C VAL A 117 -4.76 -7.21 6.89
N ASP A 118 -5.71 -6.72 6.11
CA ASP A 118 -5.85 -5.27 5.92
C ASP A 118 -7.17 -4.74 6.44
N TRP A 119 -7.25 -4.64 7.76
CA TRP A 119 -8.42 -4.12 8.45
C TRP A 119 -8.33 -2.60 8.57
N LEU A 120 -9.12 -1.89 7.78
CA LEU A 120 -9.12 -0.43 7.81
C LEU A 120 -10.45 0.12 8.33
N TYR A 121 -10.52 0.57 9.58
CA TYR A 121 -9.44 0.49 10.57
C TYR A 121 -10.05 0.09 11.90
N PRO A 122 -9.30 -0.66 12.73
CA PRO A 122 -9.81 -0.85 14.09
C PRO A 122 -9.79 0.46 14.86
N ARG A 123 -10.85 0.71 15.64
CA ARG A 123 -10.94 1.90 16.49
C ARG A 123 -11.51 1.56 17.86
N GLY A 124 -10.95 2.15 18.91
CA GLY A 124 -11.46 1.93 20.25
C GLY A 124 -10.81 0.74 20.91
N ALA A 125 -11.05 0.57 22.20
CA ALA A 125 -10.34 -0.40 23.01
C ALA A 125 -10.64 -1.87 22.67
N ASP A 126 -11.86 -2.18 22.23
CA ASP A 126 -12.20 -3.57 21.98
C ASP A 126 -11.82 -3.99 20.56
N ASP A 127 -11.85 -3.03 19.62
CA ASP A 127 -11.31 -3.29 18.29
C ASP A 127 -9.80 -3.52 18.38
N ARG A 128 -9.16 -2.81 19.30
CA ARG A 128 -7.73 -2.96 19.55
C ARG A 128 -7.34 -4.39 19.93
N ALA A 129 -8.13 -4.99 20.81
CA ALA A 129 -7.86 -6.32 21.30
C ALA A 129 -8.25 -7.39 20.29
N ALA A 130 -9.38 -7.17 19.63
CA ALA A 130 -9.84 -8.08 18.58
C ALA A 130 -8.81 -8.17 17.48
N PHE A 131 -8.19 -7.03 17.17
CA PHE A 131 -7.16 -6.99 16.14
C PHE A 131 -5.91 -7.74 16.60
N VAL A 132 -5.52 -7.55 17.85
CA VAL A 132 -4.36 -8.28 18.39
C VAL A 132 -4.69 -9.77 18.51
N SER A 133 -5.90 -10.09 18.97
CA SER A 133 -6.35 -11.49 19.08
C SER A 133 -6.26 -12.19 17.73
N LEU A 134 -6.84 -11.57 16.71
CA LEU A 134 -6.85 -12.12 15.36
C LEU A 134 -5.44 -12.40 14.85
N LEU A 135 -4.56 -11.42 15.02
CA LEU A 135 -3.18 -11.54 14.57
C LEU A 135 -2.43 -12.62 15.33
N LYS A 136 -2.70 -12.72 16.62
CA LYS A 136 -2.03 -13.68 17.48
C LYS A 136 -2.43 -15.11 17.14
N GLU A 137 -3.73 -15.35 17.01
CA GLU A 137 -4.21 -16.70 16.70
C GLU A 137 -3.72 -17.17 15.34
N LEU A 138 -3.69 -16.27 14.38
CA LEU A 138 -3.20 -16.58 13.03
C LEU A 138 -1.71 -16.91 13.05
N ARG A 139 -0.91 -16.02 13.63
CA ARG A 139 0.54 -16.21 13.75
C ARG A 139 0.87 -17.50 14.49
N LEU A 140 0.19 -17.73 15.62
CA LEU A 140 0.44 -18.93 16.40
C LEU A 140 0.02 -20.20 15.67
N ALA A 141 -1.12 -20.13 14.97
CA ALA A 141 -1.58 -21.28 14.20
C ALA A 141 -0.68 -21.54 13.00
N PHE A 142 -0.07 -20.47 12.49
CA PHE A 142 0.91 -20.59 11.41
C PHE A 142 2.17 -21.28 11.89
N GLU A 143 2.71 -20.78 12.99
CA GLU A 143 3.88 -21.38 13.64
C GLU A 143 3.63 -22.86 13.89
N GLY A 144 2.46 -23.14 14.47
CA GLY A 144 2.09 -24.50 14.83
C GLY A 144 1.72 -25.38 13.65
N GLU A 145 1.47 -24.76 12.49
CA GLU A 145 1.17 -25.56 11.31
C GLU A 145 2.48 -25.97 10.64
N ALA A 146 3.51 -25.13 10.78
CA ALA A 146 4.80 -25.41 10.19
C ALA A 146 5.48 -26.61 10.83
N LYS A 147 5.22 -26.86 12.11
CA LYS A 147 5.89 -27.97 12.79
C LYS A 147 4.99 -29.20 12.95
N THR A 148 3.74 -29.11 12.50
CA THR A 148 2.92 -30.32 12.36
C THR A 148 2.96 -30.81 10.91
N SER A 149 3.09 -29.86 9.98
CA SER A 149 3.14 -30.18 8.56
C SER A 149 4.57 -30.33 8.06
N GLY A 150 5.47 -29.49 8.55
CA GLY A 150 6.86 -29.56 8.15
C GLY A 150 7.17 -28.80 6.88
N GLN A 151 6.48 -27.68 6.68
CA GLN A 151 6.74 -26.80 5.55
C GLN A 151 7.12 -25.43 6.10
N PRO A 152 7.78 -24.58 5.29
CA PRO A 152 8.04 -23.23 5.80
C PRO A 152 6.74 -22.55 6.21
N ARG A 153 6.79 -21.87 7.34
CA ARG A 153 5.63 -21.20 7.92
C ARG A 153 4.99 -20.23 6.93
N LEU A 154 3.67 -20.12 6.97
CA LEU A 154 2.97 -19.08 6.23
C LEU A 154 3.29 -17.73 6.83
N LEU A 155 3.44 -16.72 5.97
CA LEU A 155 3.79 -15.38 6.42
C LEU A 155 2.57 -14.64 6.93
N LEU A 156 2.77 -13.76 7.90
CA LEU A 156 1.69 -12.90 8.39
C LEU A 156 2.08 -11.43 8.31
N THR A 157 1.48 -10.71 7.38
CA THR A 157 1.72 -9.28 7.24
C THR A 157 0.40 -8.52 7.38
N ALA A 158 0.49 -7.22 7.67
CA ALA A 158 -0.71 -6.39 7.79
C ALA A 158 -0.44 -4.96 7.37
N ALA A 159 -1.40 -4.37 6.66
CA ALA A 159 -1.31 -2.95 6.28
C ALA A 159 -1.88 -2.07 7.39
N VAL A 160 -1.19 -0.98 7.68
CA VAL A 160 -1.50 -0.12 8.81
C VAL A 160 -1.44 1.37 8.44
N PRO A 161 -2.27 2.20 9.11
CA PRO A 161 -2.41 3.61 8.72
C PRO A 161 -1.20 4.48 9.08
N ALA A 162 -1.13 5.64 8.46
CA ALA A 162 -0.03 6.57 8.68
C ALA A 162 -0.31 7.51 9.85
N SER A 163 -1.56 7.97 9.93
CA SER A 163 -2.00 8.95 10.94
C SER A 163 -1.69 8.52 12.36
N PHE A 164 -1.01 9.39 13.10
CA PHE A 164 -0.72 9.19 14.51
C PHE A 164 -2.00 9.05 15.33
N GLU A 165 -3.05 9.75 14.91
CA GLU A 165 -4.35 9.63 15.56
C GLU A 165 -4.93 8.24 15.36
N ALA A 166 -4.77 7.70 14.16
CA ALA A 166 -5.25 6.36 13.84
C ALA A 166 -4.44 5.29 14.58
N ILE A 167 -3.15 5.54 14.78
CA ILE A 167 -2.29 4.60 15.46
C ILE A 167 -2.71 4.43 16.93
N ALA A 168 -2.95 5.55 17.59
CA ALA A 168 -3.36 5.54 19.00
C ALA A 168 -4.71 4.85 19.18
N ALA A 169 -5.60 5.08 18.22
CA ALA A 169 -7.00 4.67 18.35
C ALA A 169 -7.24 3.18 18.18
N GLY A 170 -6.41 2.51 17.39
CA GLY A 170 -6.68 1.12 17.06
C GLY A 170 -5.53 0.13 17.11
N TYR A 171 -4.33 0.60 17.49
CA TYR A 171 -3.15 -0.22 17.31
C TYR A 171 -2.26 -0.34 18.54
N ASP A 172 -2.31 -1.52 19.15
CA ASP A 172 -1.35 -1.92 20.17
C ASP A 172 -0.06 -2.31 19.45
N VAL A 173 0.77 -1.32 19.17
CA VAL A 173 1.95 -1.53 18.32
C VAL A 173 2.96 -2.56 18.86
N PRO A 174 3.28 -2.55 20.17
CA PRO A 174 4.20 -3.60 20.61
C PRO A 174 3.66 -5.01 20.35
N GLU A 175 2.36 -5.19 20.54
CA GLU A 175 1.74 -6.51 20.40
C GLU A 175 1.66 -7.02 18.95
N ILE A 176 1.27 -6.15 18.01
CA ILE A 176 1.11 -6.61 16.62
C ILE A 176 2.48 -6.75 15.96
N SER A 177 3.43 -5.95 16.41
CA SER A 177 4.81 -6.06 15.97
C SER A 177 5.36 -7.45 16.27
N LYS A 178 4.89 -8.00 17.38
CA LYS A 178 5.38 -9.29 17.87
C LYS A 178 4.93 -10.44 16.98
N TYR A 179 3.74 -10.36 16.43
CA TYR A 179 3.19 -11.46 15.65
C TYR A 179 3.29 -11.26 14.14
N LEU A 180 3.33 -10.00 13.70
CA LEU A 180 3.48 -9.71 12.28
C LEU A 180 4.90 -9.97 11.79
N ASP A 181 5.01 -10.57 10.61
CA ASP A 181 6.29 -10.66 9.93
C ASP A 181 6.65 -9.28 9.39
N PHE A 182 5.63 -8.59 8.89
CA PHE A 182 5.82 -7.31 8.22
C PHE A 182 4.70 -6.31 8.50
N ILE A 183 5.11 -5.09 8.80
CA ILE A 183 4.19 -3.99 9.05
C ILE A 183 4.20 -3.03 7.87
N ASN A 184 3.15 -3.10 7.05
CA ASN A 184 3.09 -2.25 5.86
C ASN A 184 2.43 -0.91 6.15
N VAL A 185 3.24 0.09 6.44
CA VAL A 185 2.71 1.42 6.72
C VAL A 185 2.22 2.08 5.43
N MET A 186 0.94 2.43 5.41
CA MET A 186 0.35 3.09 4.25
C MET A 186 0.62 4.59 4.37
N THR A 187 1.86 4.98 4.06
CA THR A 187 2.26 6.37 4.12
C THR A 187 1.87 7.09 2.83
N TYR A 188 0.57 7.14 2.59
CA TYR A 188 0.01 7.90 1.49
C TYR A 188 -1.42 8.29 1.85
N ASP A 189 -2.13 8.91 0.91
CA ASP A 189 -3.48 9.42 1.16
C ASP A 189 -3.51 10.33 2.37
N PHE A 190 -2.48 11.13 2.53
CA PHE A 190 -2.42 12.15 3.57
C PHE A 190 -3.42 13.25 3.24
N HIS A 191 -3.58 13.49 1.95
CA HIS A 191 -4.56 14.45 1.47
C HIS A 191 -5.22 13.89 0.21
N GLY A 192 -6.41 14.39 -0.11
CA GLY A 192 -7.17 13.84 -1.21
C GLY A 192 -8.56 14.45 -1.36
N GLN A 193 -9.38 13.84 -2.19
CA GLN A 193 -10.65 14.42 -2.62
C GLN A 193 -11.71 14.58 -1.53
N TRP A 194 -11.45 14.05 -0.33
CA TRP A 194 -12.36 14.28 0.79
C TRP A 194 -12.18 15.70 1.31
N GLU A 195 -11.05 16.29 0.96
CA GLU A 195 -10.70 17.65 1.39
C GLU A 195 -11.09 18.70 0.35
N ARG A 196 -11.26 19.94 0.80
CA ARG A 196 -11.62 21.05 -0.09
C ARG A 196 -10.47 22.02 -0.25
N GLN A 197 -9.27 21.53 0.02
CA GLN A 197 -8.06 22.29 -0.23
C GLN A 197 -7.02 21.38 -0.81
N VAL A 198 -6.31 21.91 -1.78
CA VAL A 198 -5.25 21.20 -2.45
C VAL A 198 -4.14 20.79 -1.47
N GLY A 199 -3.79 19.51 -1.50
CA GLY A 199 -2.75 18.97 -0.65
C GLY A 199 -2.11 17.75 -1.30
N HIS A 200 -0.92 17.38 -0.86
CA HIS A 200 -0.19 16.32 -1.53
C HIS A 200 -0.43 14.94 -0.92
N ASN A 201 -0.54 13.95 -1.81
CA ASN A 201 -0.77 12.56 -1.43
C ASN A 201 0.22 12.02 -0.42
N SER A 202 1.49 12.33 -0.61
CA SER A 202 2.56 11.64 0.10
C SER A 202 3.82 12.50 0.32
N PRO A 203 3.69 13.61 1.08
CA PRO A 203 4.85 14.48 1.30
C PRO A 203 5.84 13.85 2.29
N LEU A 204 7.12 13.85 1.95
CA LEU A 204 8.14 13.28 2.82
C LEU A 204 8.33 14.16 4.05
N PHE A 205 8.49 15.46 3.83
CA PHE A 205 8.62 16.44 4.89
C PHE A 205 7.55 17.52 4.73
N PRO A 206 7.23 18.28 5.79
CA PRO A 206 6.17 19.28 5.63
C PRO A 206 6.67 20.65 5.19
N LEU A 207 5.74 21.52 4.81
CA LEU A 207 6.05 22.93 4.58
C LEU A 207 6.46 23.54 5.91
N GLU A 208 7.46 24.41 5.92
CA GLU A 208 7.81 25.14 7.15
C GLU A 208 6.61 25.99 7.57
N SER A 209 5.76 26.31 6.62
CA SER A 209 4.54 27.08 6.82
C SER A 209 3.54 26.35 7.70
N ALA A 210 3.64 25.02 7.72
CA ALA A 210 2.53 24.17 8.18
C ALA A 210 2.24 24.27 9.66
N THR A 211 0.97 24.06 10.01
CA THR A 211 0.55 23.97 11.40
C THR A 211 1.17 22.72 11.99
N SER A 212 1.49 22.79 13.29
CA SER A 212 2.11 21.66 14.01
C SER A 212 1.34 20.38 13.76
N TYR A 213 0.02 20.49 13.57
CA TYR A 213 -0.80 19.34 13.26
C TYR A 213 -0.41 18.69 11.92
N GLN A 214 -0.37 19.49 10.85
CA GLN A 214 -0.07 18.92 9.54
C GLN A 214 1.41 18.63 9.32
N LYS A 215 2.25 19.15 10.20
CA LYS A 215 3.66 18.77 10.18
C LYS A 215 3.75 17.29 10.55
N LYS A 216 2.67 16.75 11.08
CA LYS A 216 2.57 15.32 11.42
C LYS A 216 2.07 14.47 10.27
N LEU A 217 1.37 15.07 9.31
CA LEU A 217 0.83 14.31 8.19
C LEU A 217 1.87 14.23 7.08
N THR A 218 2.98 13.59 7.41
CA THR A 218 4.09 13.37 6.48
C THR A 218 4.57 11.94 6.61
N VAL A 219 5.21 11.44 5.55
CA VAL A 219 5.82 10.11 5.57
C VAL A 219 6.81 10.00 6.73
N ASP A 220 7.64 11.03 6.87
CA ASP A 220 8.67 11.07 7.90
C ASP A 220 8.11 11.00 9.31
N TYR A 221 7.14 11.85 9.64
CA TYR A 221 6.56 11.85 10.97
C TYR A 221 5.85 10.53 11.27
N SER A 222 5.06 10.05 10.31
CA SER A 222 4.29 8.83 10.47
C SER A 222 5.14 7.60 10.74
N ALA A 223 6.11 7.35 9.86
CA ALA A 223 7.01 6.21 10.02
C ALA A 223 7.72 6.26 11.37
N ARG A 224 8.10 7.47 11.77
CA ARG A 224 8.77 7.69 13.04
C ARG A 224 7.84 7.49 14.22
N GLU A 225 6.58 7.87 14.05
CA GLU A 225 5.58 7.69 15.10
C GLU A 225 5.43 6.20 15.40
N TRP A 226 5.48 5.39 14.34
CA TRP A 226 5.40 3.95 14.50
C TRP A 226 6.59 3.42 15.31
N VAL A 227 7.79 3.90 14.98
CA VAL A 227 8.98 3.55 15.75
C VAL A 227 8.81 3.96 17.20
N ARG A 228 8.23 5.13 17.41
CA ARG A 228 8.01 5.66 18.76
C ARG A 228 7.06 4.79 19.57
N GLN A 229 6.11 4.15 18.90
CA GLN A 229 5.09 3.36 19.59
C GLN A 229 5.49 1.89 19.76
N GLY A 230 6.70 1.55 19.35
CA GLY A 230 7.24 0.22 19.61
C GLY A 230 7.67 -0.59 18.41
N ALA A 231 7.24 -0.18 17.22
CA ALA A 231 7.50 -0.92 16.00
C ALA A 231 9.00 -1.11 15.76
N PRO A 232 9.41 -2.37 15.52
CA PRO A 232 10.78 -2.73 15.13
C PRO A 232 11.08 -2.30 13.71
N LYS A 233 12.16 -1.54 13.53
CA LYS A 233 12.46 -0.89 12.26
C LYS A 233 12.58 -1.87 11.09
N GLU A 234 13.07 -3.08 11.37
CA GLU A 234 13.33 -4.05 10.32
C GLU A 234 12.05 -4.71 9.83
N LYS A 235 10.96 -4.53 10.58
CA LYS A 235 9.65 -5.03 10.16
C LYS A 235 8.82 -3.94 9.50
N LEU A 236 9.30 -2.70 9.58
CA LEU A 236 8.57 -1.57 9.03
C LEU A 236 8.82 -1.42 7.54
N MET A 237 7.79 -1.73 6.76
CA MET A 237 7.82 -1.51 5.33
C MET A 237 7.08 -0.23 5.02
N ILE A 238 7.83 0.81 4.62
CA ILE A 238 7.24 2.12 4.39
C ILE A 238 6.54 2.17 3.04
N GLY A 239 5.30 2.66 3.06
CA GLY A 239 4.48 2.68 1.86
C GLY A 239 4.93 3.66 0.80
N MET A 240 4.85 3.22 -0.46
CA MET A 240 5.18 4.06 -1.59
C MET A 240 4.07 4.01 -2.64
N PRO A 241 3.44 5.16 -2.91
CA PRO A 241 2.36 5.17 -3.90
C PRO A 241 2.88 5.29 -5.33
N THR A 242 2.20 4.64 -6.28
CA THR A 242 2.49 4.83 -7.70
C THR A 242 1.34 5.57 -8.36
N TYR A 243 0.45 6.08 -7.52
CA TYR A 243 -0.63 6.95 -7.97
C TYR A 243 -0.47 8.33 -7.35
N GLY A 244 -1.20 9.31 -7.89
CA GLY A 244 -1.25 10.63 -7.31
C GLY A 244 -2.67 10.98 -6.93
N ARG A 245 -2.85 11.94 -6.02
CA ARG A 245 -4.18 12.40 -5.63
C ARG A 245 -4.53 13.72 -6.34
N SER A 246 -5.66 13.71 -7.04
CA SER A 246 -5.99 14.82 -7.93
C SER A 246 -7.17 15.66 -7.42
N PHE A 247 -7.15 16.96 -7.75
CA PHE A 247 -8.19 17.88 -7.31
C PHE A 247 -8.74 18.70 -8.48
N THR A 248 -10.00 19.12 -8.36
CA THR A 248 -10.52 20.14 -9.25
C THR A 248 -10.41 21.49 -8.55
N LEU A 249 -9.73 22.43 -9.19
CA LEU A 249 -9.49 23.75 -8.60
C LEU A 249 -10.72 24.65 -8.71
N ILE A 250 -11.01 25.38 -7.64
CA ILE A 250 -12.07 26.39 -7.67
C ILE A 250 -11.70 27.50 -8.66
N ASN A 251 -10.40 27.80 -8.69
CA ASN A 251 -9.89 28.95 -9.41
C ASN A 251 -8.53 28.64 -10.01
N ASP A 252 -8.37 28.94 -11.29
CA ASP A 252 -7.19 28.53 -12.05
C ASP A 252 -5.92 29.28 -11.64
N THR A 253 -6.08 30.48 -11.09
CA THR A 253 -4.93 31.28 -10.70
C THR A 253 -4.38 30.81 -9.35
N GLN A 254 -5.16 30.00 -8.65
CA GLN A 254 -4.74 29.48 -7.35
C GLN A 254 -4.44 27.98 -7.43
N PHE A 255 -3.17 27.66 -7.62
CA PHE A 255 -2.74 26.28 -7.84
C PHE A 255 -1.75 25.81 -6.78
N ASP A 256 -1.41 26.68 -5.83
CA ASP A 256 -0.44 26.35 -4.79
C ASP A 256 -1.03 25.42 -3.73
N ILE A 257 -0.18 24.92 -2.84
CA ILE A 257 -0.63 24.06 -1.75
C ILE A 257 -1.60 24.81 -0.84
N GLY A 258 -2.77 24.23 -0.61
CA GLY A 258 -3.79 24.84 0.21
C GLY A 258 -4.86 25.55 -0.59
N ALA A 259 -4.70 25.57 -1.91
CA ALA A 259 -5.65 26.23 -2.79
C ALA A 259 -7.01 25.55 -2.77
N PRO A 260 -8.08 26.36 -2.72
CA PRO A 260 -9.48 25.90 -2.68
C PRO A 260 -9.82 24.90 -3.79
N ALA A 261 -10.48 23.80 -3.41
CA ALA A 261 -10.85 22.75 -4.37
C ALA A 261 -12.32 22.39 -4.22
N SER A 262 -13.01 22.18 -5.34
CA SER A 262 -14.41 21.81 -5.29
C SER A 262 -14.56 20.32 -5.00
N GLY A 263 -13.51 19.56 -5.31
CA GLY A 263 -13.50 18.14 -5.07
C GLY A 263 -12.41 17.43 -5.85
N GLY A 264 -12.58 16.13 -6.04
CA GLY A 264 -11.65 15.34 -6.81
C GLY A 264 -11.53 15.83 -8.24
N GLY A 265 -10.52 15.34 -8.95
CA GLY A 265 -10.29 15.78 -10.32
C GLY A 265 -10.77 14.74 -11.32
N GLN A 266 -10.61 15.05 -12.60
CA GLN A 266 -11.01 14.15 -13.68
C GLN A 266 -10.40 12.77 -13.54
N ALA A 267 -11.25 11.74 -13.54
CA ALA A 267 -10.80 10.36 -13.54
C ALA A 267 -9.88 10.10 -14.71
N GLY A 268 -8.91 9.23 -14.55
CA GLY A 268 -8.05 8.83 -15.63
C GLY A 268 -8.77 7.90 -16.55
N ARG A 269 -8.34 7.80 -17.79
CA ARG A 269 -9.07 7.03 -18.77
C ARG A 269 -9.15 5.61 -18.38
N PHE A 270 -8.09 5.07 -17.82
CA PHE A 270 -8.09 3.67 -17.40
C PHE A 270 -8.49 3.29 -15.98
N THR A 271 -8.22 4.11 -14.98
CA THR A 271 -8.51 3.78 -13.60
C THR A 271 -9.95 4.17 -13.22
N ASN A 272 -10.52 5.12 -13.96
CA ASN A 272 -11.92 5.51 -13.84
C ASN A 272 -12.40 5.76 -12.41
N GLU A 273 -11.60 6.48 -11.64
CA GLU A 273 -12.04 6.97 -10.34
C GLU A 273 -11.54 8.38 -10.14
N ALA A 274 -12.47 9.33 -10.12
CA ALA A 274 -12.11 10.72 -9.88
C ALA A 274 -11.47 10.86 -8.50
N GLY A 275 -10.33 11.54 -8.44
CA GLY A 275 -9.65 11.72 -7.18
C GLY A 275 -8.23 11.18 -7.19
N PHE A 276 -7.93 10.30 -8.14
CA PHE A 276 -6.57 9.83 -8.31
C PHE A 276 -6.27 9.44 -9.75
N MET A 277 -4.98 9.35 -10.07
CA MET A 277 -4.51 8.89 -11.37
C MET A 277 -3.32 7.96 -11.19
N SER A 278 -3.22 6.95 -12.05
CA SER A 278 -2.03 6.10 -12.06
C SER A 278 -0.86 6.90 -12.60
N TYR A 279 0.35 6.36 -12.50
CA TYR A 279 1.51 7.11 -12.95
C TYR A 279 1.57 7.22 -14.47
N TYR A 280 1.08 6.21 -15.18
CA TYR A 280 1.07 6.31 -16.64
C TYR A 280 0.00 7.29 -17.09
N GLU A 281 -1.00 7.49 -16.25
CA GLU A 281 -2.00 8.52 -16.51
C GLU A 281 -1.45 9.90 -16.17
N ILE A 282 -0.56 9.96 -15.17
CA ILE A 282 0.10 11.21 -14.78
C ILE A 282 0.98 11.73 -15.92
N CYS A 283 1.63 10.81 -16.59
CA CYS A 283 2.55 11.08 -17.66
C CYS A 283 1.88 11.71 -18.84
N GLU A 284 0.72 11.23 -19.22
CA GLU A 284 -0.06 11.84 -20.27
C GLU A 284 -0.51 13.23 -19.89
N PHE A 285 -0.88 13.39 -18.64
CA PHE A 285 -1.28 14.66 -18.15
C PHE A 285 -0.13 15.64 -18.25
N LEU A 286 1.07 15.16 -18.00
CA LEU A 286 2.25 16.03 -18.09
C LEU A 286 2.53 16.42 -19.53
N ARG A 287 2.32 15.49 -20.46
CA ARG A 287 2.63 15.72 -21.86
C ARG A 287 1.69 16.70 -22.54
N GLU A 288 0.57 17.00 -21.89
CA GLU A 288 -0.44 17.86 -22.51
C GLU A 288 -0.02 19.32 -22.51
N ASP A 289 -0.62 20.09 -23.40
CA ASP A 289 -0.19 21.45 -23.66
C ASP A 289 -0.22 22.31 -22.40
N ASN A 290 0.88 23.03 -22.18
CA ASN A 290 1.14 23.85 -20.99
C ASN A 290 0.65 23.29 -19.67
N THR A 291 1.02 22.05 -19.37
CA THR A 291 0.90 21.52 -18.02
C THR A 291 2.12 21.98 -17.25
N THR A 292 1.90 22.52 -16.04
CA THR A 292 3.00 23.05 -15.26
C THR A 292 3.47 22.07 -14.21
N LEU A 293 4.70 21.59 -14.38
CA LEU A 293 5.31 20.68 -13.41
C LEU A 293 6.07 21.47 -12.36
N VAL A 294 5.74 21.22 -11.10
CA VAL A 294 6.33 21.95 -9.99
C VAL A 294 6.99 20.99 -8.99
N TRP A 295 8.25 21.26 -8.65
CA TRP A 295 8.91 20.49 -7.60
C TRP A 295 8.85 21.22 -6.27
N ASP A 296 8.27 20.57 -5.26
CA ASP A 296 8.20 21.16 -3.93
C ASP A 296 9.48 20.80 -3.16
N ASN A 297 10.29 21.80 -2.88
CA ASN A 297 11.61 21.54 -2.30
C ASN A 297 11.56 21.34 -0.79
N GLU A 298 10.45 21.71 -0.16
CA GLU A 298 10.30 21.47 1.26
C GLU A 298 9.68 20.10 1.48
N GLN A 299 8.68 19.78 0.67
CA GLN A 299 7.98 18.51 0.80
C GLN A 299 8.69 17.40 0.02
N MET A 300 9.61 17.79 -0.86
CA MET A 300 10.43 16.86 -1.63
C MET A 300 9.60 15.95 -2.54
N VAL A 301 8.48 16.49 -3.03
CA VAL A 301 7.62 15.76 -3.96
C VAL A 301 7.16 16.68 -5.09
N PRO A 302 6.74 16.09 -6.22
CA PRO A 302 6.25 16.93 -7.31
C PRO A 302 4.73 17.07 -7.33
N PHE A 303 4.23 18.17 -7.90
CA PHE A 303 2.84 18.24 -8.30
C PHE A 303 2.75 18.96 -9.64
N ALA A 304 1.60 18.84 -10.28
CA ALA A 304 1.42 19.43 -11.61
C ALA A 304 -0.01 19.89 -11.81
N TYR A 305 -0.19 20.98 -12.53
CA TYR A 305 -1.50 21.51 -12.79
C TYR A 305 -1.67 22.03 -14.20
N ARG A 306 -2.88 21.91 -14.72
CA ARG A 306 -3.24 22.52 -15.96
C ARG A 306 -4.69 22.91 -15.89
N GLU A 307 -5.01 24.16 -16.13
CA GLU A 307 -6.36 24.64 -16.02
C GLU A 307 -6.75 24.21 -14.64
N ASP A 308 -7.99 23.79 -14.43
CA ASP A 308 -8.49 23.57 -13.09
C ASP A 308 -8.20 22.19 -12.54
N GLN A 309 -7.35 21.45 -13.23
CA GLN A 309 -6.93 20.15 -12.78
C GLN A 309 -5.53 20.16 -12.18
N TRP A 310 -5.41 19.63 -10.99
CA TRP A 310 -4.23 19.67 -10.14
C TRP A 310 -3.98 18.30 -9.56
N VAL A 311 -2.76 17.79 -9.70
CA VAL A 311 -2.43 16.48 -9.13
C VAL A 311 -1.07 16.48 -8.45
N GLY A 312 -1.00 15.86 -7.28
CA GLY A 312 0.25 15.67 -6.56
C GLY A 312 0.58 14.20 -6.52
N PHE A 313 1.83 13.85 -6.86
CA PHE A 313 2.20 12.47 -7.08
C PHE A 313 3.63 12.18 -6.70
N ASP A 314 4.07 10.95 -6.99
CA ASP A 314 5.47 10.59 -6.79
C ASP A 314 6.15 10.27 -8.11
N ASP A 315 7.32 10.84 -8.32
CA ASP A 315 8.11 10.51 -9.50
C ASP A 315 9.43 9.87 -9.10
N GLU A 316 10.28 9.67 -10.10
CA GLU A 316 11.57 9.01 -9.92
C GLU A 316 12.40 9.70 -8.85
N ARG A 317 12.38 11.02 -8.87
CA ARG A 317 13.18 11.82 -7.95
C ARG A 317 12.70 11.76 -6.51
N SER A 318 11.39 11.91 -6.31
CA SER A 318 10.83 11.92 -4.97
C SER A 318 10.96 10.55 -4.32
N LEU A 319 10.80 9.50 -5.11
CA LEU A 319 10.91 8.15 -4.59
C LEU A 319 12.35 7.81 -4.21
N LYS A 320 13.33 8.30 -4.98
CA LYS A 320 14.73 8.12 -4.63
C LYS A 320 15.09 8.93 -3.39
N THR A 321 14.54 10.13 -3.28
CA THR A 321 14.73 10.95 -2.08
C THR A 321 14.21 10.22 -0.85
N LYS A 322 13.07 9.54 -1.00
CA LYS A 322 12.49 8.76 0.08
C LYS A 322 13.33 7.53 0.42
N MET A 323 13.99 6.97 -0.58
CA MET A 323 14.85 5.81 -0.35
C MET A 323 16.09 6.22 0.43
N ALA A 324 16.59 7.42 0.16
CA ALA A 324 17.76 7.95 0.87
C ALA A 324 17.41 8.22 2.33
N TRP A 325 16.16 8.61 2.55
CA TRP A 325 15.66 8.88 3.89
C TRP A 325 15.44 7.59 4.66
N LEU A 326 14.94 6.58 3.95
CA LEU A 326 14.62 5.29 4.53
C LEU A 326 15.86 4.50 4.92
N LYS A 327 16.86 4.49 4.05
CA LYS A 327 18.14 3.85 4.37
C LYS A 327 18.76 4.55 5.57
N GLU A 328 18.65 5.87 5.60
CA GLU A 328 19.18 6.68 6.69
C GLU A 328 18.46 6.40 8.00
N GLU A 329 17.16 6.09 7.89
CA GLU A 329 16.35 5.82 9.08
C GLU A 329 16.44 4.37 9.52
N GLY A 330 16.94 3.51 8.65
CA GLY A 330 17.17 2.12 8.99
C GLY A 330 15.94 1.24 8.91
N PHE A 331 15.02 1.54 8.00
CA PHE A 331 13.82 0.73 7.86
C PHE A 331 14.10 -0.52 7.02
N GLY A 332 13.29 -1.55 7.24
CA GLY A 332 13.53 -2.86 6.66
C GLY A 332 13.22 -2.98 5.19
N GLY A 333 12.53 -2.00 4.62
CA GLY A 333 12.19 -2.03 3.22
C GLY A 333 10.98 -1.18 2.87
N ILE A 334 10.34 -1.48 1.74
CA ILE A 334 9.20 -0.70 1.31
C ILE A 334 7.99 -1.55 0.93
N MET A 335 6.86 -0.88 0.84
CA MET A 335 5.62 -1.47 0.37
C MET A 335 5.11 -0.59 -0.76
N VAL A 336 4.65 -1.21 -1.84
CA VAL A 336 4.26 -0.46 -3.03
C VAL A 336 2.79 -0.65 -3.39
N TRP A 337 2.04 0.45 -3.40
CA TRP A 337 0.69 0.42 -3.91
C TRP A 337 0.57 1.34 -5.13
N SER A 338 0.48 0.75 -6.33
CA SER A 338 0.51 -0.69 -6.53
C SER A 338 1.35 -0.99 -7.78
N VAL A 339 1.72 -2.26 -7.97
CA VAL A 339 2.57 -2.62 -9.10
C VAL A 339 1.91 -2.34 -10.45
N ASP A 340 0.58 -2.30 -10.46
CA ASP A 340 -0.18 -2.16 -11.69
C ASP A 340 -0.45 -0.71 -12.09
N MET A 341 -0.01 0.23 -11.26
CA MET A 341 -0.25 1.64 -11.54
C MET A 341 1.07 2.38 -11.76
N ASP A 342 2.16 1.63 -11.69
CA ASP A 342 3.44 2.11 -12.19
C ASP A 342 3.37 1.96 -13.70
N ASP A 343 4.18 2.73 -14.42
CA ASP A 343 4.19 2.61 -15.87
C ASP A 343 4.84 1.29 -16.28
N PHE A 344 4.05 0.22 -16.25
CA PHE A 344 4.59 -1.11 -16.52
C PHE A 344 4.85 -1.32 -18.02
N ARG A 345 4.21 -0.52 -18.86
CA ARG A 345 4.39 -0.65 -20.30
C ARG A 345 5.51 0.25 -20.82
N GLY A 346 5.97 1.17 -19.98
CA GLY A 346 7.04 2.08 -20.36
C GLY A 346 6.55 3.16 -21.33
N SER A 347 5.27 3.51 -21.21
CA SER A 347 4.69 4.50 -22.10
C SER A 347 5.06 5.93 -21.72
N CYS A 348 5.61 6.11 -20.51
CA CYS A 348 5.98 7.43 -20.04
C CYS A 348 7.23 7.97 -20.75
N GLY A 349 7.97 7.09 -21.41
CA GLY A 349 9.15 7.50 -22.15
C GLY A 349 10.43 7.25 -21.38
N THR A 350 10.29 6.73 -20.18
CA THR A 350 11.43 6.26 -19.40
C THR A 350 11.44 4.74 -19.50
N GLY A 351 12.07 4.07 -18.55
CA GLY A 351 12.14 2.61 -18.59
C GLY A 351 10.77 1.99 -18.37
N LYS A 352 10.72 0.65 -18.47
CA LYS A 352 9.54 -0.06 -17.99
C LYS A 352 9.62 -0.07 -16.47
N TYR A 353 8.47 0.02 -15.81
CA TYR A 353 8.40 0.13 -14.36
C TYR A 353 9.34 1.20 -13.80
N PRO A 354 9.20 2.45 -14.24
CA PRO A 354 10.21 3.45 -13.89
C PRO A 354 10.21 3.85 -12.41
N LEU A 355 9.07 3.75 -11.75
CA LEU A 355 8.99 4.14 -10.33
C LEU A 355 9.63 3.10 -9.42
N ILE A 356 9.22 1.85 -9.59
CA ILE A 356 9.73 0.76 -8.75
C ILE A 356 11.19 0.48 -9.09
N THR A 357 11.56 0.65 -10.35
CA THR A 357 12.97 0.53 -10.76
C THR A 357 13.81 1.58 -10.05
N ALA A 358 13.31 2.81 -10.00
CA ALA A 358 14.01 3.91 -9.36
C ALA A 358 14.30 3.60 -7.89
N MET A 359 13.29 3.10 -7.18
CA MET A 359 13.42 2.75 -5.78
C MET A 359 14.39 1.60 -5.57
N LYS A 360 14.35 0.63 -6.48
CA LYS A 360 15.25 -0.52 -6.44
C LYS A 360 16.70 -0.09 -6.56
N GLN A 361 16.97 0.75 -7.56
CA GLN A 361 18.30 1.29 -7.81
C GLN A 361 18.90 1.96 -6.58
N GLU A 362 18.06 2.73 -5.88
CA GLU A 362 18.51 3.52 -4.75
C GLU A 362 18.66 2.67 -3.49
N LEU A 363 18.05 1.50 -3.50
CA LEU A 363 18.13 0.58 -2.36
C LEU A 363 19.26 -0.43 -2.52
N SER A 364 19.87 -0.47 -3.69
CA SER A 364 20.91 -1.45 -3.96
C SER A 364 22.10 -1.25 -3.04
N GLY A 365 22.54 -2.35 -2.41
CA GLY A 365 23.65 -2.31 -1.49
C GLY A 365 23.26 -1.98 -0.06
N TYR A 366 21.98 -1.81 0.19
CA TYR A 366 21.50 -1.47 1.53
C TYR A 366 21.21 -2.72 2.35
N LYS A 367 21.88 -2.82 3.49
CA LYS A 367 21.62 -3.91 4.44
C LYS A 367 21.00 -3.29 5.68
N VAL A 368 19.87 -3.83 6.13
CA VAL A 368 19.31 -3.31 7.36
C VAL A 368 19.98 -4.02 8.54
N LYS A 369 20.38 -3.22 9.52
CA LYS A 369 21.11 -3.64 10.70
C LYS A 369 20.52 -3.01 11.92
N LEU A 370 20.93 -3.40 13.13
CA LEU A 370 20.41 -2.85 14.36
C LEU A 370 21.49 -2.23 15.23
C1 NAG B . -8.27 10.61 5.64
C2 NAG B . -7.08 9.66 5.86
C3 NAG B . -6.88 8.76 4.63
C4 NAG B . -8.18 8.16 4.12
C5 NAG B . -9.26 9.23 4.02
C6 NAG B . -10.62 8.70 3.63
C7 NAG B . -5.45 10.75 7.35
C8 NAG B . -4.18 11.55 7.42
N2 NAG B . -5.87 10.42 6.12
O1 NAG B . -8.54 11.31 6.81
O3 NAG B . -5.98 7.72 4.97
O4 NAG B . -7.98 7.63 2.81
O5 NAG B . -9.40 9.86 5.30
O6 NAG B . -11.61 9.71 3.66
O7 NAG B . -6.07 10.42 8.37
C1 NAG B . -7.87 6.22 2.72
C2 NAG B . -8.21 5.86 1.28
C3 NAG B . -7.99 4.37 1.00
C4 NAG B . -6.65 3.88 1.54
C5 NAG B . -6.41 4.37 2.96
C6 NAG B . -5.01 4.10 3.47
C7 NAG B . -9.93 7.08 0.03
C8 NAG B . -11.41 7.34 -0.11
N2 NAG B . -9.59 6.22 0.99
O3 NAG B . -8.05 4.17 -0.40
O4 NAG B . -6.71 2.45 1.54
O5 NAG B . -6.59 5.79 3.01
O6 NAG B . -4.87 4.47 4.83
O7 NAG B . -9.10 7.63 -0.70
C1 NAG B . -5.49 1.74 1.15
C2 NAG B . -5.84 0.27 0.80
C3 NAG B . -6.58 0.16 -0.54
C4 NAG B . -6.50 1.44 -1.35
C5 NAG B . -5.09 2.00 -1.31
C6 NAG B . -4.92 3.24 -2.16
C7 NAG B . -4.50 -1.58 1.68
C8 NAG B . -5.62 -1.79 2.67
N2 NAG B . -4.67 -0.58 0.81
O3 NAG B . -7.94 -0.19 -0.29
O4 NAG B . -6.80 1.17 -2.70
O5 NAG B . -4.71 2.36 0.03
O6 NAG B . -5.64 4.33 -1.62
O7 NAG B . -3.50 -2.30 1.67
C1 NAG B . -8.19 1.32 -3.00
C2 NAG B . -8.31 1.71 -4.47
C3 NAG B . -9.77 1.73 -4.92
C4 NAG B . -10.44 0.40 -4.58
C5 NAG B . -10.28 0.16 -3.09
C6 NAG B . -10.89 -1.13 -2.63
C7 NAG B . -6.59 3.12 -5.50
C8 NAG B . -6.08 1.86 -6.15
N2 NAG B . -7.67 2.98 -4.72
O3 NAG B . -9.83 1.99 -6.32
O4 NAG B . -11.82 0.38 -4.93
O5 NAG B . -8.88 0.09 -2.77
O6 NAG B . -10.85 -1.24 -1.21
O7 NAG B . -6.05 4.21 -5.68
C1 NAG B . -11.96 -0.16 -6.27
C2 NAG B . -12.95 -1.33 -6.33
C3 NAG B . -13.16 -1.76 -7.77
C4 NAG B . -13.55 -0.57 -8.65
C5 NAG B . -12.51 0.54 -8.50
C6 NAG B . -12.86 1.79 -9.26
C7 NAG B . -13.17 -2.97 -4.50
C8 NAG B . -12.54 -4.12 -3.79
N2 NAG B . -12.49 -2.45 -5.52
O3 NAG B . -14.16 -2.77 -7.84
O4 NAG B . -13.61 -0.96 -10.02
O5 NAG B . -12.42 0.91 -7.11
O6 NAG B . -11.84 2.77 -9.14
O7 NAG B . -14.27 -2.52 -4.16
C1 NAG C . -9.99 33.81 -9.28
C2 NAG C . -11.27 34.65 -9.51
C3 NAG C . -10.96 36.14 -9.56
C4 NAG C . -10.09 36.57 -8.39
C5 NAG C . -8.83 35.72 -8.39
C6 NAG C . -7.89 36.04 -7.24
C7 NAG C . -13.12 33.62 -10.78
C8 NAG C . -13.77 33.38 -9.45
N2 NAG C . -11.93 34.22 -10.74
O3 NAG C . -12.16 36.90 -9.56
O4 NAG C . -9.75 37.95 -8.50
O5 NAG C . -9.22 34.36 -8.23
O6 NAG C . -6.68 35.30 -7.37
O7 NAG C . -13.65 33.30 -11.84
#